data_8B91
#
_entry.id   8B91
#
_cell.length_a   60.355
_cell.length_b   86.134
_cell.length_c   120.855
_cell.angle_alpha   90.000
_cell.angle_beta   90.000
_cell.angle_gamma   90.000
#
_symmetry.space_group_name_H-M   'P 21 21 21'
#
loop_
_entity.id
_entity.type
_entity.pdbx_description
1 polymer 'Peroxisome proliferator-activated receptor gamma'
2 polymer 'Nuclear receptor corepressor 2'
3 non-polymer ~{N}3-[4-[bis(fluoranyl)methoxy]-3-fluoranyl-phenyl]-4-chloranyl-6-fluoranyl-~{N}1-[(2-methoxyphenyl)methyl]benzene-1,3-dicarboxamide
4 water water
#
loop_
_entity_poly.entity_id
_entity_poly.type
_entity_poly.pdbx_seq_one_letter_code
_entity_poly.pdbx_strand_id
1 'polypeptide(L)'
;GSHMQLNPESADLRALAKHLYDSYIKSFPLTKAKARAILTGKTTDKSPFVIYDMNSLMMGEDKIKFKHITPLQEQSKEVA
IRIFQGAQFRSVEAVQEITEYAKSIPGFVNLDLNDQVTLLKYGVHEIIYTMLASLMNKDGVLISEGQGFMTREFLKSLRK
PFGDFMEPKFEFAVKFNALELDDSDLAIFIAVIILSGDRPGLLNVKPIEDIQDNLLQALELQLKLNHPESSQLFAKLLQK
MTDLRQIVTEHVQLLQVIKKTETDMSLHPLLQEIYKDLY
;
A,B
2 'polypeptide(L)' HASTNMGLEAIIRKALMGKYDQW C,D
#
loop_
_chem_comp.id
_chem_comp.type
_chem_comp.name
_chem_comp.formula
Q4O non-polymer ~{N}3-[4-[bis(fluoranyl)methoxy]-3-fluoranyl-phenyl]-4-chloranyl-6-fluoranyl-~{N}1-[(2-methoxyphenyl)methyl]benzene-1,3-dicarboxamide 'C23 H17 Cl F4 N2 O4'
#
# COMPACT_ATOMS: atom_id res chain seq x y z
N HIS A 3 -6.04 23.59 -14.65
CA HIS A 3 -7.25 23.88 -15.48
C HIS A 3 -7.90 22.56 -15.96
N MET A 4 -8.92 22.07 -15.25
CA MET A 4 -9.76 20.93 -15.71
C MET A 4 -10.73 21.40 -16.80
N GLN A 5 -11.00 20.52 -17.77
CA GLN A 5 -11.78 20.84 -18.99
C GLN A 5 -12.70 19.66 -19.31
N LEU A 6 -13.91 19.96 -19.79
CA LEU A 6 -14.81 18.98 -20.43
C LEU A 6 -14.42 18.83 -21.91
N ASN A 7 -13.60 17.85 -22.25
CA ASN A 7 -13.11 17.58 -23.62
C ASN A 7 -13.38 16.12 -23.89
N PRO A 8 -13.07 15.61 -25.09
CA PRO A 8 -13.32 14.20 -25.44
C PRO A 8 -12.63 13.20 -24.50
N GLU A 9 -11.42 13.56 -24.03
CA GLU A 9 -10.62 12.69 -23.13
C GLU A 9 -11.39 12.53 -21.82
N SER A 10 -11.87 13.62 -21.21
CA SER A 10 -12.61 13.56 -19.92
C SER A 10 -13.90 12.76 -20.13
N ALA A 11 -14.66 13.06 -21.20
CA ALA A 11 -15.96 12.40 -21.51
C ALA A 11 -15.75 10.90 -21.68
N ASP A 12 -14.61 10.48 -22.24
CA ASP A 12 -14.30 9.03 -22.36
C ASP A 12 -14.03 8.43 -20.98
N LEU A 13 -13.36 9.17 -20.08
CA LEU A 13 -13.12 8.71 -18.69
C LEU A 13 -14.45 8.63 -17.96
N ARG A 14 -15.41 9.53 -18.23
CA ARG A 14 -16.74 9.49 -17.53
C ARG A 14 -17.54 8.29 -18.03
N ALA A 15 -17.45 7.98 -19.33
CA ALA A 15 -18.09 6.81 -19.98
C ALA A 15 -17.52 5.52 -19.39
N LEU A 16 -16.18 5.41 -19.31
CA LEU A 16 -15.49 4.27 -18.63
C LEU A 16 -16.02 4.14 -17.19
N ALA A 17 -16.08 5.24 -16.45
CA ALA A 17 -16.56 5.25 -15.04
C ALA A 17 -18.00 4.73 -14.98
N LYS A 18 -18.86 5.18 -15.90
CA LYS A 18 -20.28 4.77 -15.93
C LYS A 18 -20.39 3.30 -16.33
N HIS A 19 -19.61 2.86 -17.33
CA HIS A 19 -19.60 1.45 -17.79
C HIS A 19 -19.24 0.58 -16.58
N LEU A 20 -18.18 0.92 -15.86
CA LEU A 20 -17.75 0.12 -14.66
C LEU A 20 -18.83 0.15 -13.58
N TYR A 21 -19.49 1.29 -13.36
CA TYR A 21 -20.56 1.41 -12.33
C TYR A 21 -21.69 0.46 -12.69
N ASP A 22 -22.18 0.51 -13.93
CA ASP A 22 -23.30 -0.34 -14.39
C ASP A 22 -22.92 -1.81 -14.15
N SER A 23 -21.72 -2.22 -14.56
CA SER A 23 -21.24 -3.62 -14.45
C SER A 23 -21.15 -4.01 -12.98
N TYR A 24 -20.69 -3.08 -12.16
CA TYR A 24 -20.59 -3.25 -10.68
C TYR A 24 -21.98 -3.58 -10.11
N ILE A 25 -23.00 -2.84 -10.55
CA ILE A 25 -24.42 -2.96 -10.11
C ILE A 25 -24.96 -4.34 -10.50
N LYS A 26 -24.61 -4.85 -11.68
CA LYS A 26 -25.08 -6.19 -12.13
C LYS A 26 -24.40 -7.26 -11.27
N SER A 27 -23.12 -7.11 -10.97
CA SER A 27 -22.28 -8.19 -10.40
C SER A 27 -22.54 -8.31 -8.89
N PHE A 28 -22.86 -7.19 -8.23
CA PHE A 28 -23.00 -7.10 -6.75
C PHE A 28 -24.36 -6.51 -6.39
N PRO A 29 -25.38 -7.37 -6.21
CA PRO A 29 -26.73 -6.89 -5.92
C PRO A 29 -26.77 -6.01 -4.65
N LEU A 30 -26.06 -6.40 -3.60
CA LEU A 30 -26.03 -5.57 -2.37
C LEU A 30 -24.99 -4.45 -2.51
N THR A 31 -25.40 -3.31 -3.04
CA THR A 31 -24.56 -2.11 -3.28
C THR A 31 -24.29 -1.43 -1.94
N LYS A 32 -23.38 -0.46 -1.89
CA LYS A 32 -23.16 0.32 -0.65
C LYS A 32 -24.39 1.19 -0.34
N ALA A 33 -24.99 1.86 -1.34
CA ALA A 33 -26.19 2.72 -1.12
C ALA A 33 -27.24 1.90 -0.38
N LYS A 34 -27.45 0.64 -0.78
CA LYS A 34 -28.51 -0.25 -0.22
C LYS A 34 -28.07 -0.70 1.18
N ALA A 35 -26.81 -1.11 1.35
CA ALA A 35 -26.27 -1.47 2.68
C ALA A 35 -26.47 -0.27 3.63
N ARG A 36 -26.21 0.96 3.16
CA ARG A 36 -26.31 2.18 4.01
C ARG A 36 -27.78 2.41 4.40
N ALA A 37 -28.71 2.24 3.47
CA ALA A 37 -30.16 2.36 3.73
C ALA A 37 -30.56 1.33 4.81
N ILE A 38 -30.15 0.07 4.67
CA ILE A 38 -30.45 -0.97 5.70
C ILE A 38 -29.79 -0.53 7.02
N LEU A 39 -28.48 -0.28 7.03
CA LEU A 39 -27.73 0.01 8.28
C LEU A 39 -28.34 1.22 9.01
N THR A 40 -28.87 2.22 8.30
CA THR A 40 -29.30 3.52 8.88
C THR A 40 -30.81 3.55 9.09
N GLY A 41 -31.49 2.41 8.89
CA GLY A 41 -32.96 2.29 8.93
C GLY A 41 -33.64 3.36 8.08
N LYS A 42 -33.16 3.55 6.85
CA LYS A 42 -33.74 4.49 5.84
C LYS A 42 -34.14 3.66 4.63
N THR A 43 -34.83 2.54 4.86
CA THR A 43 -35.33 1.62 3.82
C THR A 43 -36.69 1.11 4.26
N THR A 44 -37.59 0.81 3.32
CA THR A 44 -38.90 0.14 3.55
C THR A 44 -38.70 -1.37 3.58
N ASP A 45 -37.49 -1.83 3.20
CA ASP A 45 -37.12 -3.25 3.04
C ASP A 45 -37.21 -3.94 4.41
N LYS A 46 -37.30 -5.27 4.46
CA LYS A 46 -37.44 -6.00 5.76
C LYS A 46 -36.18 -5.73 6.60
N SER A 47 -36.38 -5.44 7.89
CA SER A 47 -35.33 -5.11 8.87
C SER A 47 -34.47 -6.34 9.18
N PRO A 48 -33.13 -6.24 9.19
CA PRO A 48 -32.29 -7.41 9.51
C PRO A 48 -32.43 -7.88 10.97
N PHE A 49 -32.28 -9.19 11.17
CA PHE A 49 -32.17 -9.88 12.49
C PHE A 49 -30.78 -9.62 13.09
N VAL A 50 -30.71 -9.12 14.32
CA VAL A 50 -29.43 -8.75 14.99
C VAL A 50 -28.92 -9.91 15.84
N ILE A 51 -27.72 -10.42 15.52
CA ILE A 51 -26.97 -11.39 16.37
C ILE A 51 -25.96 -10.61 17.21
N TYR A 52 -26.25 -10.45 18.51
CA TYR A 52 -25.43 -9.66 19.46
C TYR A 52 -24.94 -10.52 20.64
N ASP A 53 -25.40 -11.77 20.77
CA ASP A 53 -24.99 -12.76 21.81
C ASP A 53 -25.29 -14.20 21.36
N MET A 54 -25.04 -15.17 22.25
CA MET A 54 -25.17 -16.63 21.96
C MET A 54 -26.65 -16.98 21.75
N ASN A 55 -27.55 -16.44 22.58
CA ASN A 55 -29.01 -16.72 22.46
C ASN A 55 -29.51 -16.14 21.13
N SER A 56 -29.14 -14.90 20.79
CA SER A 56 -29.52 -14.25 19.50
C SER A 56 -28.89 -14.99 18.31
N LEU A 57 -27.68 -15.54 18.45
CA LEU A 57 -27.15 -16.39 17.34
C LEU A 57 -28.01 -17.64 17.16
N MET A 58 -28.35 -18.34 18.25
CA MET A 58 -29.07 -19.64 18.15
C MET A 58 -30.40 -19.37 17.44
N MET A 59 -31.15 -18.34 17.87
CA MET A 59 -32.38 -17.90 17.16
C MET A 59 -32.07 -17.54 15.71
N GLY A 60 -30.90 -16.92 15.49
CA GLY A 60 -30.43 -16.45 14.19
C GLY A 60 -30.25 -17.57 13.19
N GLU A 61 -29.53 -18.64 13.53
CA GLU A 61 -29.37 -19.83 12.63
C GLU A 61 -30.74 -20.24 12.10
N ASP A 62 -31.76 -20.15 12.96
CA ASP A 62 -33.15 -20.60 12.69
C ASP A 62 -33.84 -19.64 11.70
N LYS A 63 -33.75 -18.32 11.94
CA LYS A 63 -34.63 -17.28 11.33
C LYS A 63 -33.92 -16.49 10.22
N ILE A 64 -32.61 -16.54 10.15
CA ILE A 64 -31.81 -16.10 8.97
C ILE A 64 -31.58 -17.36 8.15
N LYS A 65 -32.07 -17.38 6.91
CA LYS A 65 -31.82 -18.52 5.97
C LYS A 65 -30.66 -18.13 5.04
N PHE A 66 -29.63 -18.99 4.99
CA PHE A 66 -28.40 -18.85 4.17
C PHE A 66 -28.60 -19.68 2.89
N LYS A 67 -27.55 -19.81 2.07
CA LYS A 67 -27.54 -20.66 0.84
C LYS A 67 -26.20 -21.40 0.74
N GLN A 75 -23.14 -30.12 9.30
CA GLN A 75 -23.16 -29.34 10.57
C GLN A 75 -21.78 -29.39 11.21
N SER A 76 -21.62 -28.66 12.32
CA SER A 76 -20.48 -28.72 13.28
C SER A 76 -20.92 -28.16 14.62
N LYS A 77 -20.57 -28.81 15.73
CA LYS A 77 -21.22 -28.54 17.03
C LYS A 77 -20.71 -27.22 17.62
N GLU A 78 -19.60 -26.68 17.14
CA GLU A 78 -19.08 -25.37 17.63
C GLU A 78 -19.71 -24.23 16.83
N VAL A 79 -20.30 -23.29 17.56
CA VAL A 79 -20.91 -22.05 17.03
C VAL A 79 -19.82 -21.33 16.24
N ALA A 80 -18.61 -21.23 16.79
CA ALA A 80 -17.50 -20.41 16.23
C ALA A 80 -17.09 -20.99 14.88
N ILE A 81 -17.17 -22.31 14.71
CA ILE A 81 -16.74 -22.96 13.44
C ILE A 81 -17.86 -22.77 12.41
N ARG A 82 -19.12 -22.93 12.82
CA ARG A 82 -20.27 -22.75 11.90
C ARG A 82 -20.27 -21.31 11.36
N ILE A 83 -19.85 -20.34 12.18
CA ILE A 83 -19.81 -18.90 11.75
C ILE A 83 -18.69 -18.73 10.71
N PHE A 84 -17.46 -19.17 11.01
CA PHE A 84 -16.27 -19.09 10.14
C PHE A 84 -16.54 -19.76 8.79
N GLN A 85 -17.15 -20.94 8.81
CA GLN A 85 -17.48 -21.68 7.57
C GLN A 85 -18.42 -20.83 6.71
N GLY A 86 -19.44 -20.23 7.33
CA GLY A 86 -20.39 -19.32 6.65
C GLY A 86 -19.68 -18.17 5.97
N ALA A 87 -18.71 -17.55 6.66
CA ALA A 87 -17.84 -16.51 6.07
C ALA A 87 -17.07 -17.10 4.87
N GLN A 88 -16.51 -18.30 5.00
CA GLN A 88 -15.69 -18.92 3.90
C GLN A 88 -16.59 -19.21 2.69
N PHE A 89 -17.82 -19.68 2.89
CA PHE A 89 -18.76 -19.95 1.76
C PHE A 89 -19.10 -18.63 1.04
N ARG A 90 -19.33 -17.55 1.78
CA ARG A 90 -19.74 -16.26 1.17
C ARG A 90 -18.55 -15.67 0.41
N SER A 91 -17.32 -15.90 0.89
CA SER A 91 -16.06 -15.52 0.20
C SER A 91 -15.97 -16.22 -1.17
N VAL A 92 -16.33 -17.50 -1.24
CA VAL A 92 -16.29 -18.28 -2.52
C VAL A 92 -17.21 -17.58 -3.52
N GLU A 93 -18.44 -17.29 -3.10
CA GLU A 93 -19.50 -16.59 -3.88
C GLU A 93 -18.95 -15.25 -4.39
N ALA A 94 -18.30 -14.48 -3.51
CA ALA A 94 -17.73 -13.16 -3.82
C ALA A 94 -16.68 -13.28 -4.94
N VAL A 95 -15.90 -14.37 -4.96
CA VAL A 95 -14.86 -14.64 -6.01
C VAL A 95 -15.53 -14.77 -7.38
N GLN A 96 -16.68 -15.44 -7.43
CA GLN A 96 -17.49 -15.61 -8.68
C GLN A 96 -17.93 -14.24 -9.18
N GLU A 97 -18.58 -13.44 -8.33
CA GLU A 97 -19.12 -12.10 -8.67
C GLU A 97 -17.97 -11.15 -9.09
N ILE A 98 -16.81 -11.25 -8.45
CA ILE A 98 -15.65 -10.36 -8.71
C ILE A 98 -15.03 -10.76 -10.05
N THR A 99 -14.93 -12.07 -10.35
CA THR A 99 -14.48 -12.58 -11.67
C THR A 99 -15.45 -12.09 -12.76
N GLU A 100 -16.74 -12.23 -12.53
CA GLU A 100 -17.81 -11.70 -13.42
C GLU A 100 -17.54 -10.21 -13.69
N TYR A 101 -17.30 -9.42 -12.64
CA TYR A 101 -17.04 -7.96 -12.71
C TYR A 101 -15.79 -7.71 -13.56
N ALA A 102 -14.71 -8.42 -13.24
CA ALA A 102 -13.39 -8.35 -13.93
C ALA A 102 -13.59 -8.48 -15.45
N LYS A 103 -14.48 -9.37 -15.89
CA LYS A 103 -14.72 -9.67 -17.34
C LYS A 103 -15.23 -8.42 -18.06
N SER A 104 -15.96 -7.55 -17.37
CA SER A 104 -16.56 -6.31 -17.92
C SER A 104 -15.53 -5.16 -17.97
N ILE A 105 -14.31 -5.31 -17.43
CA ILE A 105 -13.32 -4.20 -17.46
C ILE A 105 -12.69 -4.16 -18.85
N PRO A 106 -12.91 -3.08 -19.65
CA PRO A 106 -12.31 -2.98 -20.99
C PRO A 106 -10.82 -3.37 -21.01
N GLY A 107 -10.50 -4.39 -21.82
CA GLY A 107 -9.13 -4.89 -22.05
C GLY A 107 -8.83 -6.13 -21.24
N PHE A 108 -9.60 -6.47 -20.21
CA PHE A 108 -9.25 -7.56 -19.25
C PHE A 108 -9.31 -8.95 -19.92
N VAL A 109 -10.38 -9.28 -20.67
CA VAL A 109 -10.49 -10.62 -21.36
C VAL A 109 -9.57 -10.70 -22.59
N ASN A 110 -8.97 -9.61 -23.09
CA ASN A 110 -7.95 -9.68 -24.18
C ASN A 110 -6.56 -10.02 -23.62
N LEU A 111 -6.41 -10.17 -22.30
CA LEU A 111 -5.11 -10.49 -21.64
C LEU A 111 -4.93 -12.00 -21.68
N ASP A 112 -3.68 -12.50 -21.61
CA ASP A 112 -3.37 -13.94 -21.43
C ASP A 112 -4.14 -14.50 -20.23
N LEU A 113 -5.00 -15.49 -20.46
CA LEU A 113 -5.87 -16.14 -19.45
C LEU A 113 -5.10 -16.41 -18.16
N ASN A 114 -3.85 -16.89 -18.24
CA ASN A 114 -3.05 -17.20 -17.03
C ASN A 114 -2.81 -15.91 -16.22
N ASP A 115 -2.67 -14.76 -16.90
CA ASP A 115 -2.51 -13.45 -16.22
C ASP A 115 -3.85 -13.04 -15.60
N GLN A 116 -4.96 -13.23 -16.32
CA GLN A 116 -6.34 -12.98 -15.83
C GLN A 116 -6.53 -13.74 -14.52
N VAL A 117 -6.08 -15.00 -14.46
CA VAL A 117 -6.23 -15.88 -13.27
C VAL A 117 -5.34 -15.34 -12.14
N THR A 118 -4.17 -14.81 -12.47
CA THR A 118 -3.18 -14.36 -11.47
C THR A 118 -3.70 -13.06 -10.83
N LEU A 119 -4.17 -12.13 -11.66
CA LEU A 119 -4.73 -10.83 -11.19
C LEU A 119 -5.85 -11.11 -10.17
N LEU A 120 -6.77 -12.00 -10.51
CA LEU A 120 -7.94 -12.35 -9.69
C LEU A 120 -7.52 -13.16 -8.48
N LYS A 121 -6.58 -14.10 -8.64
CA LYS A 121 -6.04 -14.95 -7.54
C LYS A 121 -5.50 -14.03 -6.43
N TYR A 122 -4.70 -13.02 -6.77
CA TYR A 122 -4.03 -12.13 -5.77
C TYR A 122 -4.88 -10.89 -5.43
N GLY A 123 -6.05 -10.69 -6.05
CA GLY A 123 -6.83 -9.44 -5.90
C GLY A 123 -8.10 -9.62 -5.08
N VAL A 124 -8.77 -10.76 -5.23
CA VAL A 124 -10.13 -10.97 -4.67
C VAL A 124 -10.12 -10.69 -3.15
N HIS A 125 -9.10 -11.12 -2.41
CA HIS A 125 -9.05 -10.87 -0.94
C HIS A 125 -9.09 -9.35 -0.68
N GLU A 126 -8.33 -8.55 -1.43
CA GLU A 126 -8.24 -7.09 -1.22
C GLU A 126 -9.58 -6.42 -1.53
N ILE A 127 -10.26 -6.92 -2.56
CA ILE A 127 -11.62 -6.48 -3.00
C ILE A 127 -12.69 -6.94 -2.00
N ILE A 128 -12.57 -8.14 -1.45
CA ILE A 128 -13.54 -8.65 -0.43
C ILE A 128 -13.50 -7.69 0.78
N TYR A 129 -12.32 -7.34 1.27
N TYR A 129 -12.31 -7.42 1.32
CA TYR A 129 -12.15 -6.48 2.47
CA TYR A 129 -12.10 -6.46 2.43
C TYR A 129 -12.63 -5.05 2.15
C TYR A 129 -12.78 -5.13 2.09
N THR A 130 -12.44 -4.59 0.91
CA THR A 130 -12.95 -3.30 0.39
C THR A 130 -14.48 -3.30 0.47
N MET A 131 -15.09 -4.30 -0.14
CA MET A 131 -16.56 -4.41 -0.31
C MET A 131 -17.21 -4.77 1.04
N LEU A 132 -16.53 -5.52 1.91
CA LEU A 132 -17.03 -5.81 3.27
C LEU A 132 -17.28 -4.50 3.99
N ALA A 133 -16.42 -3.49 3.80
CA ALA A 133 -16.51 -2.18 4.50
C ALA A 133 -17.88 -1.57 4.21
N SER A 134 -18.39 -1.79 2.99
CA SER A 134 -19.70 -1.26 2.53
C SER A 134 -20.81 -1.81 3.42
N LEU A 135 -20.63 -3.00 4.02
CA LEU A 135 -21.63 -3.72 4.84
C LEU A 135 -21.39 -3.53 6.34
N MET A 136 -20.41 -2.71 6.74
CA MET A 136 -20.02 -2.56 8.17
C MET A 136 -20.31 -1.14 8.65
N ASN A 137 -20.68 -1.02 9.92
CA ASN A 137 -20.59 0.23 10.72
C ASN A 137 -19.81 -0.10 12.00
N LYS A 138 -19.75 0.82 12.97
CA LYS A 138 -19.02 0.61 14.25
C LYS A 138 -19.61 -0.58 15.04
N ASP A 139 -20.88 -0.95 14.83
CA ASP A 139 -21.59 -1.99 15.62
C ASP A 139 -21.39 -3.38 15.03
N GLY A 140 -21.15 -3.50 13.72
CA GLY A 140 -20.97 -4.81 13.06
C GLY A 140 -21.22 -4.82 11.56
N VAL A 141 -21.66 -5.97 11.06
CA VAL A 141 -21.60 -6.30 9.60
C VAL A 141 -22.90 -7.00 9.17
N LEU A 142 -23.48 -6.55 8.06
CA LEU A 142 -24.63 -7.23 7.40
C LEU A 142 -24.18 -8.60 6.89
N ILE A 143 -24.95 -9.65 7.17
CA ILE A 143 -24.73 -11.04 6.67
C ILE A 143 -25.96 -11.49 5.89
N SER A 144 -25.82 -12.56 5.10
CA SER A 144 -26.89 -13.21 4.29
C SER A 144 -27.60 -12.15 3.47
N GLU A 145 -26.80 -11.41 2.69
CA GLU A 145 -27.21 -10.26 1.85
C GLU A 145 -28.25 -9.40 2.55
N GLY A 146 -28.04 -9.08 3.83
CA GLY A 146 -28.86 -8.06 4.54
C GLY A 146 -29.95 -8.66 5.42
N GLN A 147 -30.19 -9.96 5.38
CA GLN A 147 -31.21 -10.58 6.28
C GLN A 147 -30.71 -10.49 7.73
N GLY A 148 -29.39 -10.52 7.94
CA GLY A 148 -28.77 -10.56 9.27
C GLY A 148 -27.80 -9.41 9.51
N PHE A 149 -27.56 -9.12 10.79
CA PHE A 149 -26.52 -8.20 11.26
C PHE A 149 -25.84 -8.85 12.46
N MET A 150 -24.53 -9.11 12.36
CA MET A 150 -23.72 -9.68 13.46
C MET A 150 -22.83 -8.58 14.03
N THR A 151 -22.78 -8.43 15.35
CA THR A 151 -22.05 -7.31 16.02
C THR A 151 -20.55 -7.60 16.04
N ARG A 152 -19.75 -6.52 16.04
CA ARG A 152 -18.28 -6.60 16.09
C ARG A 152 -17.86 -7.35 17.38
N GLU A 153 -18.47 -7.01 18.51
CA GLU A 153 -18.07 -7.52 19.83
C GLU A 153 -18.44 -9.00 19.94
N PHE A 154 -19.57 -9.44 19.37
CA PHE A 154 -19.96 -10.87 19.40
C PHE A 154 -18.93 -11.71 18.61
N LEU A 155 -18.50 -11.24 17.45
CA LEU A 155 -17.47 -11.95 16.65
C LEU A 155 -16.19 -12.02 17.48
N LYS A 156 -15.83 -10.91 18.16
CA LYS A 156 -14.63 -10.80 19.03
C LYS A 156 -14.67 -11.83 20.15
N SER A 157 -15.86 -12.17 20.63
CA SER A 157 -16.11 -13.05 21.81
C SER A 157 -15.91 -14.53 21.44
N LEU A 158 -15.87 -14.88 20.15
CA LEU A 158 -15.66 -16.29 19.74
C LEU A 158 -14.29 -16.75 20.26
N ARG A 159 -14.17 -18.02 20.66
CA ARG A 159 -12.91 -18.57 21.22
C ARG A 159 -11.79 -18.38 20.18
N LYS A 160 -10.54 -18.28 20.62
CA LYS A 160 -9.35 -18.21 19.74
C LYS A 160 -9.34 -19.47 18.88
N PRO A 161 -8.91 -19.45 17.59
CA PRO A 161 -8.42 -18.26 16.91
C PRO A 161 -9.48 -17.46 16.11
N PHE A 162 -10.77 -17.74 16.34
CA PHE A 162 -11.89 -17.21 15.52
C PHE A 162 -12.25 -15.77 15.94
N GLY A 163 -12.12 -15.43 17.22
CA GLY A 163 -12.45 -14.11 17.80
C GLY A 163 -11.76 -12.94 17.08
N ASP A 164 -10.64 -13.19 16.40
CA ASP A 164 -9.81 -12.12 15.76
C ASP A 164 -9.89 -12.19 14.23
N PHE A 165 -10.73 -13.06 13.66
CA PHE A 165 -10.75 -13.24 12.18
C PHE A 165 -11.34 -11.97 11.58
N MET A 166 -12.32 -11.34 12.21
CA MET A 166 -13.02 -10.16 11.62
C MET A 166 -12.41 -8.84 12.13
N GLU A 167 -11.71 -8.83 13.24
CA GLU A 167 -11.21 -7.55 13.82
C GLU A 167 -10.47 -6.72 12.77
N PRO A 168 -9.42 -7.22 12.07
CA PRO A 168 -8.68 -6.37 11.13
C PRO A 168 -9.55 -5.80 10.00
N LYS A 169 -10.67 -6.47 9.66
CA LYS A 169 -11.61 -5.98 8.61
C LYS A 169 -12.34 -4.74 9.14
N PHE A 170 -12.67 -4.76 10.42
CA PHE A 170 -13.37 -3.66 11.13
C PHE A 170 -12.43 -2.45 11.21
N GLU A 171 -11.17 -2.69 11.60
CA GLU A 171 -10.15 -1.63 11.79
C GLU A 171 -10.05 -0.88 10.46
N PHE A 172 -9.82 -1.65 9.41
CA PHE A 172 -9.73 -1.15 8.01
C PHE A 172 -11.02 -0.39 7.64
N ALA A 173 -12.19 -1.00 7.86
CA ALA A 173 -13.52 -0.47 7.46
C ALA A 173 -13.80 0.88 8.14
N VAL A 174 -13.47 0.99 9.42
CA VAL A 174 -13.75 2.24 10.20
C VAL A 174 -13.03 3.40 9.51
N LYS A 175 -11.75 3.24 9.19
CA LYS A 175 -10.97 4.32 8.54
C LYS A 175 -11.35 4.44 7.06
N PHE A 176 -11.66 3.35 6.37
CA PHE A 176 -12.03 3.39 4.92
C PHE A 176 -13.39 4.07 4.74
N ASN A 177 -14.36 3.72 5.57
CA ASN A 177 -15.73 4.28 5.52
C ASN A 177 -15.73 5.78 5.82
N ALA A 178 -14.76 6.28 6.58
CA ALA A 178 -14.61 7.73 6.90
C ALA A 178 -14.32 8.54 5.61
N LEU A 179 -13.73 7.93 4.59
CA LEU A 179 -13.51 8.57 3.27
C LEU A 179 -14.83 8.80 2.55
N GLU A 180 -15.93 8.16 2.98
CA GLU A 180 -17.30 8.31 2.39
C GLU A 180 -17.34 8.10 0.87
N LEU A 181 -16.71 7.04 0.37
CA LEU A 181 -16.77 6.67 -1.06
C LEU A 181 -18.18 6.16 -1.34
N ASP A 182 -18.65 6.33 -2.57
CA ASP A 182 -19.96 5.78 -3.03
C ASP A 182 -19.67 4.68 -4.07
N ASP A 183 -20.72 4.05 -4.60
CA ASP A 183 -20.60 2.86 -5.49
C ASP A 183 -19.86 3.25 -6.78
N SER A 184 -20.12 4.45 -7.30
CA SER A 184 -19.37 5.02 -8.45
C SER A 184 -17.86 5.07 -8.20
N ASP A 185 -17.45 5.52 -7.01
CA ASP A 185 -16.01 5.63 -6.69
C ASP A 185 -15.43 4.22 -6.59
N LEU A 186 -16.12 3.35 -5.86
CA LEU A 186 -15.67 1.98 -5.49
C LEU A 186 -15.49 1.14 -6.76
N ALA A 187 -16.39 1.28 -7.73
CA ALA A 187 -16.37 0.48 -8.97
C ALA A 187 -15.01 0.71 -9.65
N ILE A 188 -14.58 1.96 -9.76
CA ILE A 188 -13.28 2.29 -10.39
C ILE A 188 -12.17 1.78 -9.46
N PHE A 189 -12.29 1.97 -8.16
CA PHE A 189 -11.23 1.61 -7.20
C PHE A 189 -10.93 0.11 -7.31
N ILE A 190 -11.98 -0.70 -7.35
CA ILE A 190 -11.87 -2.18 -7.38
C ILE A 190 -11.23 -2.61 -8.71
N ALA A 191 -11.50 -1.90 -9.80
CA ALA A 191 -10.87 -2.20 -11.10
C ALA A 191 -9.38 -1.84 -11.04
N VAL A 192 -8.98 -0.74 -10.38
CA VAL A 192 -7.53 -0.41 -10.25
C VAL A 192 -6.83 -1.56 -9.52
N ILE A 193 -7.41 -2.08 -8.44
CA ILE A 193 -6.84 -3.20 -7.64
C ILE A 193 -6.62 -4.42 -8.55
N ILE A 194 -7.65 -4.83 -9.31
CA ILE A 194 -7.60 -6.09 -10.12
C ILE A 194 -6.44 -5.99 -11.11
N LEU A 195 -6.22 -4.82 -11.70
CA LEU A 195 -5.20 -4.65 -12.76
C LEU A 195 -3.86 -4.15 -12.18
N SER A 196 -3.32 -4.90 -11.21
CA SER A 196 -2.06 -4.59 -10.51
C SER A 196 -0.93 -5.38 -11.18
N GLY A 197 0.00 -4.68 -11.83
CA GLY A 197 1.07 -5.22 -12.68
C GLY A 197 2.19 -5.85 -11.87
N ASP A 198 2.14 -5.70 -10.53
CA ASP A 198 3.20 -6.17 -9.60
C ASP A 198 2.79 -7.50 -8.96
N ARG A 199 1.70 -8.13 -9.38
CA ARG A 199 1.36 -9.48 -8.83
C ARG A 199 2.49 -10.42 -9.22
N PRO A 200 2.91 -11.36 -8.35
CA PRO A 200 3.88 -12.37 -8.75
C PRO A 200 3.30 -13.33 -9.79
N GLY A 201 4.12 -13.67 -10.80
CA GLY A 201 3.89 -14.76 -11.77
C GLY A 201 3.19 -14.29 -13.03
N LEU A 202 3.24 -12.98 -13.33
CA LEU A 202 2.59 -12.40 -14.53
C LEU A 202 3.55 -12.51 -15.73
N LEU A 203 3.03 -12.97 -16.88
CA LEU A 203 3.80 -13.13 -18.14
C LEU A 203 3.99 -11.76 -18.79
N ASN A 204 2.91 -10.99 -18.94
CA ASN A 204 2.91 -9.75 -19.76
C ASN A 204 2.36 -8.56 -18.92
N VAL A 205 3.28 -7.74 -18.42
CA VAL A 205 3.04 -6.66 -17.43
C VAL A 205 2.51 -5.39 -18.14
N LYS A 206 3.21 -4.94 -19.18
CA LYS A 206 2.93 -3.67 -19.88
C LYS A 206 1.44 -3.59 -20.21
N PRO A 207 0.83 -4.62 -20.82
CA PRO A 207 -0.57 -4.52 -21.22
C PRO A 207 -1.48 -4.29 -20.00
N ILE A 208 -1.12 -4.86 -18.84
CA ILE A 208 -1.87 -4.70 -17.56
C ILE A 208 -1.73 -3.27 -17.04
N GLU A 209 -0.48 -2.76 -16.96
CA GLU A 209 -0.19 -1.39 -16.49
C GLU A 209 -0.93 -0.37 -17.38
N ASP A 210 -1.04 -0.67 -18.68
CA ASP A 210 -1.68 0.23 -19.66
C ASP A 210 -3.17 0.39 -19.28
N ILE A 211 -3.84 -0.71 -18.98
CA ILE A 211 -5.28 -0.66 -18.59
C ILE A 211 -5.35 0.09 -17.25
N GLN A 212 -4.47 -0.25 -16.30
CA GLN A 212 -4.42 0.36 -14.94
C GLN A 212 -4.23 1.88 -15.03
N ASP A 213 -3.36 2.33 -15.94
N ASP A 213 -3.40 2.34 -15.96
CA ASP A 213 -3.11 3.78 -16.19
CA ASP A 213 -3.09 3.78 -16.12
C ASP A 213 -4.44 4.45 -16.54
C ASP A 213 -4.39 4.48 -16.60
N ASN A 214 -5.19 3.83 -17.44
CA ASN A 214 -6.49 4.36 -17.90
C ASN A 214 -7.50 4.36 -16.73
N LEU A 215 -7.54 3.28 -15.96
CA LEU A 215 -8.37 3.16 -14.73
C LEU A 215 -7.98 4.22 -13.70
N LEU A 216 -6.67 4.51 -13.53
CA LEU A 216 -6.16 5.50 -12.55
C LEU A 216 -6.62 6.91 -12.93
N GLN A 217 -6.47 7.28 -14.20
CA GLN A 217 -7.00 8.55 -14.75
C GLN A 217 -8.50 8.66 -14.51
N ALA A 218 -9.25 7.57 -14.72
CA ALA A 218 -10.71 7.56 -14.55
C ALA A 218 -11.06 7.81 -13.09
N LEU A 219 -10.35 7.12 -12.19
CA LEU A 219 -10.56 7.19 -10.72
C LEU A 219 -10.28 8.61 -10.25
N GLU A 220 -9.16 9.17 -10.73
CA GLU A 220 -8.71 10.52 -10.36
C GLU A 220 -9.82 11.51 -10.71
N LEU A 221 -10.36 11.45 -11.92
CA LEU A 221 -11.43 12.34 -12.40
C LEU A 221 -12.69 12.13 -11.55
N GLN A 222 -13.06 10.86 -11.32
CA GLN A 222 -14.23 10.51 -10.51
C GLN A 222 -14.15 11.22 -9.15
N LEU A 223 -13.02 11.08 -8.46
CA LEU A 223 -12.87 11.57 -7.07
C LEU A 223 -12.85 13.10 -7.07
N LYS A 224 -12.23 13.71 -8.08
CA LYS A 224 -12.23 15.19 -8.22
C LYS A 224 -13.68 15.67 -8.40
N LEU A 225 -14.48 15.00 -9.24
CA LEU A 225 -15.85 15.47 -9.52
C LEU A 225 -16.76 15.18 -8.32
N ASN A 226 -16.52 14.10 -7.61
CA ASN A 226 -17.52 13.57 -6.65
C ASN A 226 -17.20 14.08 -5.23
N HIS A 227 -15.96 14.54 -4.95
CA HIS A 227 -15.51 14.87 -3.58
C HIS A 227 -14.85 16.23 -3.55
N PRO A 228 -15.65 17.32 -3.57
CA PRO A 228 -15.11 18.68 -3.60
C PRO A 228 -14.33 19.08 -2.34
N GLU A 229 -14.51 18.38 -1.23
CA GLU A 229 -13.91 18.83 0.06
C GLU A 229 -12.82 17.85 0.47
N SER A 230 -12.20 17.16 -0.48
CA SER A 230 -11.12 16.18 -0.18
C SER A 230 -10.14 16.18 -1.36
N SER A 231 -9.23 17.17 -1.41
CA SER A 231 -8.46 17.50 -2.65
C SER A 231 -7.45 16.39 -2.95
N GLN A 232 -7.03 15.63 -1.92
CA GLN A 232 -6.04 14.53 -2.11
C GLN A 232 -6.71 13.18 -1.78
N LEU A 233 -8.00 13.02 -2.07
CA LEU A 233 -8.64 11.71 -1.84
C LEU A 233 -8.00 10.62 -2.72
N PHE A 234 -7.59 10.96 -3.93
CA PHE A 234 -6.93 10.03 -4.87
C PHE A 234 -5.71 9.43 -4.17
N ALA A 235 -4.81 10.29 -3.68
CA ALA A 235 -3.59 9.86 -2.98
C ALA A 235 -3.99 9.01 -1.77
N LYS A 236 -5.04 9.38 -1.04
CA LYS A 236 -5.53 8.60 0.12
C LYS A 236 -5.92 7.19 -0.31
N LEU A 237 -6.67 7.04 -1.40
CA LEU A 237 -7.16 5.70 -1.87
C LEU A 237 -5.99 4.82 -2.26
N LEU A 238 -5.00 5.36 -2.95
CA LEU A 238 -3.80 4.56 -3.32
C LEU A 238 -3.11 4.08 -2.03
N GLN A 239 -3.11 4.90 -0.98
CA GLN A 239 -2.45 4.55 0.32
C GLN A 239 -3.21 3.35 0.90
N LYS A 240 -4.52 3.28 0.70
CA LYS A 240 -5.37 2.17 1.23
C LYS A 240 -5.04 0.84 0.53
N MET A 241 -4.49 0.86 -0.69
CA MET A 241 -4.12 -0.40 -1.41
C MET A 241 -2.90 -0.99 -0.73
N THR A 242 -2.02 -0.12 -0.21
CA THR A 242 -0.85 -0.51 0.62
C THR A 242 -1.38 -1.18 1.88
N ASP A 243 -2.23 -0.50 2.67
CA ASP A 243 -2.86 -1.11 3.86
C ASP A 243 -3.26 -2.53 3.46
N LEU A 244 -4.28 -2.60 2.58
CA LEU A 244 -5.06 -3.80 2.16
C LEU A 244 -4.13 -4.98 1.91
N ARG A 245 -3.01 -4.78 1.21
CA ARG A 245 -2.03 -5.86 0.87
C ARG A 245 -1.58 -6.55 2.16
N GLN A 246 -1.32 -5.76 3.20
CA GLN A 246 -0.80 -6.23 4.50
C GLN A 246 -1.93 -6.87 5.31
N ILE A 247 -3.11 -6.30 5.28
CA ILE A 247 -4.33 -6.90 5.90
C ILE A 247 -4.49 -8.34 5.34
N VAL A 248 -4.28 -8.50 4.03
CA VAL A 248 -4.44 -9.80 3.30
C VAL A 248 -3.32 -10.74 3.76
N THR A 249 -2.12 -10.21 3.99
CA THR A 249 -0.96 -10.94 4.55
C THR A 249 -1.36 -11.57 5.90
N GLU A 250 -1.96 -10.81 6.81
CA GLU A 250 -2.35 -11.30 8.15
C GLU A 250 -3.53 -12.26 8.03
N HIS A 251 -4.44 -12.02 7.09
CA HIS A 251 -5.61 -12.90 6.80
C HIS A 251 -5.07 -14.26 6.37
N VAL A 252 -4.30 -14.29 5.29
CA VAL A 252 -3.67 -15.52 4.71
C VAL A 252 -2.91 -16.26 5.81
N GLN A 253 -2.07 -15.57 6.57
CA GLN A 253 -1.25 -16.17 7.66
C GLN A 253 -2.17 -16.79 8.72
N LEU A 254 -3.33 -16.19 9.02
CA LEU A 254 -4.30 -16.70 10.04
C LEU A 254 -5.04 -17.92 9.49
N LEU A 255 -5.34 -17.96 8.18
CA LEU A 255 -6.07 -19.09 7.52
C LEU A 255 -5.17 -20.34 7.53
N GLN A 256 -3.86 -20.14 7.53
CA GLN A 256 -2.85 -21.22 7.70
C GLN A 256 -3.13 -21.88 9.05
N VAL A 257 -3.00 -21.13 10.15
CA VAL A 257 -3.19 -21.61 11.55
C VAL A 257 -4.48 -22.44 11.64
N ILE A 258 -5.61 -21.85 11.25
CA ILE A 258 -6.97 -22.45 11.43
C ILE A 258 -7.00 -23.79 10.70
N LYS A 259 -6.58 -23.81 9.44
CA LYS A 259 -6.66 -25.02 8.56
C LYS A 259 -5.81 -26.16 9.15
N LYS A 260 -4.64 -25.85 9.73
CA LYS A 260 -3.69 -26.86 10.27
C LYS A 260 -3.85 -27.04 11.79
N THR A 261 -4.68 -26.23 12.49
CA THR A 261 -4.93 -26.37 13.95
C THR A 261 -6.41 -26.66 14.24
N GLU A 262 -7.27 -26.68 13.22
CA GLU A 262 -8.71 -27.05 13.35
C GLU A 262 -9.07 -28.08 12.27
N THR A 263 -10.04 -28.95 12.55
CA THR A 263 -10.39 -30.16 11.75
C THR A 263 -10.85 -29.73 10.35
N LEU A 267 -16.41 -27.83 3.19
CA LEU A 267 -15.86 -27.43 1.86
C LEU A 267 -17.00 -27.17 0.88
N HIS A 268 -17.09 -25.94 0.35
CA HIS A 268 -18.21 -25.34 -0.43
C HIS A 268 -18.63 -26.22 -1.61
N PRO A 269 -19.96 -26.32 -1.93
CA PRO A 269 -20.47 -27.32 -2.89
C PRO A 269 -19.84 -27.20 -4.29
N LEU A 270 -19.47 -25.98 -4.70
CA LEU A 270 -18.77 -25.71 -5.98
C LEU A 270 -17.38 -26.34 -5.92
N LEU A 271 -16.71 -26.27 -4.75
CA LEU A 271 -15.34 -26.81 -4.53
C LEU A 271 -15.33 -28.34 -4.46
N GLN A 272 -16.48 -29.02 -4.53
CA GLN A 272 -16.58 -30.50 -4.58
C GLN A 272 -16.71 -30.98 -6.04
N GLU A 273 -17.51 -30.28 -6.85
CA GLU A 273 -17.85 -30.65 -8.25
C GLU A 273 -16.68 -30.33 -9.20
N GLN B 5 0.55 32.38 -15.10
CA GLN B 5 -0.29 31.16 -15.33
C GLN B 5 -0.53 30.43 -14.00
N LEU B 6 0.37 30.55 -13.03
CA LEU B 6 0.13 30.08 -11.63
C LEU B 6 -0.78 31.09 -10.91
N ASN B 7 -1.49 30.64 -9.88
CA ASN B 7 -2.32 31.47 -8.96
C ASN B 7 -1.57 31.51 -7.62
N PRO B 8 -2.01 32.33 -6.62
CA PRO B 8 -1.34 32.37 -5.32
C PRO B 8 -1.20 30.99 -4.64
N GLU B 9 -2.19 30.10 -4.79
CA GLU B 9 -2.13 28.72 -4.22
C GLU B 9 -0.99 27.93 -4.88
N SER B 10 -0.93 27.87 -6.21
CA SER B 10 0.15 27.16 -6.96
C SER B 10 1.52 27.75 -6.60
N ALA B 11 1.64 29.07 -6.57
CA ALA B 11 2.88 29.82 -6.25
C ALA B 11 3.41 29.38 -4.89
N ASP B 12 2.52 29.24 -3.90
CA ASP B 12 2.87 28.82 -2.52
C ASP B 12 3.35 27.36 -2.52
N LEU B 13 2.75 26.50 -3.36
CA LEU B 13 3.15 25.08 -3.55
C LEU B 13 4.52 25.03 -4.24
N ARG B 14 4.82 25.94 -5.16
CA ARG B 14 6.17 26.00 -5.78
C ARG B 14 7.18 26.42 -4.73
N ALA B 15 6.89 27.46 -3.95
CA ALA B 15 7.78 28.00 -2.89
C ALA B 15 8.05 26.93 -1.82
N LEU B 16 7.07 26.05 -1.52
CA LEU B 16 7.23 24.97 -0.53
C LEU B 16 8.17 23.90 -1.10
N ALA B 17 8.06 23.62 -2.40
CA ALA B 17 8.93 22.66 -3.14
C ALA B 17 10.38 23.14 -3.08
N LYS B 18 10.58 24.42 -3.39
CA LYS B 18 11.91 25.07 -3.37
C LYS B 18 12.48 25.00 -1.94
N HIS B 19 11.67 25.32 -0.93
CA HIS B 19 12.12 25.30 0.49
C HIS B 19 12.60 23.88 0.85
N LEU B 20 11.81 22.86 0.56
CA LEU B 20 12.20 21.45 0.83
C LEU B 20 13.46 21.09 0.02
N TYR B 21 13.53 21.48 -1.25
CA TYR B 21 14.73 21.23 -2.09
C TYR B 21 15.97 21.83 -1.41
N ASP B 22 15.95 23.13 -1.09
CA ASP B 22 17.10 23.85 -0.48
C ASP B 22 17.50 23.19 0.83
N SER B 23 16.52 22.74 1.62
CA SER B 23 16.77 22.04 2.89
C SER B 23 17.35 20.64 2.61
N TYR B 24 16.87 19.95 1.57
CA TYR B 24 17.30 18.59 1.20
C TYR B 24 18.77 18.62 0.76
N ILE B 25 19.14 19.61 -0.05
CA ILE B 25 20.55 19.92 -0.45
C ILE B 25 21.43 20.07 0.81
N LYS B 26 20.94 20.80 1.82
CA LYS B 26 21.68 21.13 3.06
C LYS B 26 21.87 19.88 3.93
N SER B 27 20.89 18.97 3.99
CA SER B 27 20.92 17.81 4.92
C SER B 27 21.65 16.62 4.28
N PHE B 28 21.56 16.46 2.95
CA PHE B 28 22.02 15.27 2.20
C PHE B 28 23.13 15.64 1.22
N PRO B 29 24.40 15.61 1.68
CA PRO B 29 25.54 16.05 0.86
C PRO B 29 25.71 15.27 -0.45
N LEU B 30 25.44 13.97 -0.47
CA LEU B 30 25.51 13.18 -1.74
C LEU B 30 24.11 13.05 -2.35
N THR B 31 23.81 13.90 -3.35
CA THR B 31 22.50 14.01 -4.04
C THR B 31 22.40 12.92 -5.13
N LYS B 32 21.21 12.70 -5.65
CA LYS B 32 21.03 11.81 -6.83
C LYS B 32 21.78 12.36 -8.04
N ALA B 33 21.82 13.68 -8.25
CA ALA B 33 22.56 14.29 -9.39
C ALA B 33 24.04 13.92 -9.29
N LYS B 34 24.66 14.10 -8.13
CA LYS B 34 26.11 13.87 -7.97
C LYS B 34 26.39 12.36 -8.08
N ALA B 35 25.48 11.54 -7.54
CA ALA B 35 25.61 10.07 -7.51
C ALA B 35 25.55 9.55 -8.95
N ARG B 36 24.65 10.11 -9.75
CA ARG B 36 24.43 9.64 -11.14
C ARG B 36 25.58 10.13 -12.03
N ALA B 37 26.13 11.32 -11.76
CA ALA B 37 27.34 11.84 -12.44
C ALA B 37 28.47 10.84 -12.24
N ILE B 38 28.66 10.32 -11.02
CA ILE B 38 29.72 9.33 -10.71
C ILE B 38 29.41 8.01 -11.42
N LEU B 39 28.20 7.47 -11.29
CA LEU B 39 27.81 6.15 -11.89
C LEU B 39 27.85 6.21 -13.42
N THR B 40 27.75 7.40 -14.02
CA THR B 40 27.86 7.61 -15.48
C THR B 40 29.29 8.08 -15.83
N GLY B 41 30.24 7.95 -14.89
CA GLY B 41 31.63 8.46 -14.97
C GLY B 41 31.67 9.81 -15.67
N LYS B 42 31.26 10.89 -14.97
CA LYS B 42 31.20 12.30 -15.48
C LYS B 42 31.69 13.25 -14.40
N LYS B 46 36.81 12.14 -10.15
CA LYS B 46 37.54 10.86 -10.40
C LYS B 46 36.66 9.67 -10.02
N SER B 47 36.80 8.55 -10.73
CA SER B 47 35.84 7.42 -10.71
C SER B 47 36.06 6.56 -9.47
N PRO B 48 35.01 5.90 -8.96
CA PRO B 48 35.10 5.20 -7.67
C PRO B 48 35.88 3.88 -7.75
N PHE B 49 36.46 3.46 -6.62
CA PHE B 49 37.17 2.16 -6.47
C PHE B 49 36.13 1.03 -6.38
N VAL B 50 36.23 0.05 -7.28
CA VAL B 50 35.23 -1.05 -7.42
C VAL B 50 35.61 -2.18 -6.47
N ILE B 51 34.74 -2.51 -5.51
CA ILE B 51 34.88 -3.73 -4.65
C ILE B 51 33.97 -4.83 -5.23
N TYR B 52 34.56 -5.77 -5.97
CA TYR B 52 33.87 -6.86 -6.72
C TYR B 52 34.29 -8.25 -6.21
N ASP B 53 35.14 -8.34 -5.18
CA ASP B 53 35.58 -9.64 -4.58
C ASP B 53 36.45 -9.36 -3.34
N MET B 54 36.94 -10.42 -2.69
CA MET B 54 37.66 -10.31 -1.40
C MET B 54 39.02 -9.63 -1.59
N ASN B 55 39.70 -9.86 -2.71
CA ASN B 55 40.96 -9.13 -3.04
C ASN B 55 40.66 -7.63 -3.04
N SER B 56 39.77 -7.17 -3.92
CA SER B 56 39.47 -5.73 -4.12
C SER B 56 38.92 -5.11 -2.82
N LEU B 57 38.22 -5.87 -1.97
CA LEU B 57 37.75 -5.36 -0.66
C LEU B 57 38.95 -4.91 0.16
N MET B 58 39.95 -5.79 0.31
CA MET B 58 41.17 -5.51 1.13
C MET B 58 41.91 -4.31 0.52
N MET B 59 42.00 -4.24 -0.82
CA MET B 59 42.70 -3.14 -1.54
C MET B 59 41.95 -1.82 -1.31
N GLY B 60 40.62 -1.80 -1.51
CA GLY B 60 39.76 -0.62 -1.30
C GLY B 60 39.81 -0.14 0.15
N GLU B 61 39.71 -1.10 1.09
CA GLU B 61 39.88 -0.90 2.56
C GLU B 61 41.10 -0.04 2.86
N ASP B 62 42.15 -0.15 2.04
CA ASP B 62 43.43 0.59 2.18
C ASP B 62 43.72 1.31 0.85
N LYS B 77 37.35 -9.21 12.73
CA LYS B 77 35.98 -9.74 12.46
C LYS B 77 35.88 -10.26 11.03
N GLU B 78 34.98 -11.22 10.81
CA GLU B 78 34.63 -11.84 9.50
C GLU B 78 34.18 -10.74 8.51
N VAL B 79 34.42 -10.93 7.20
CA VAL B 79 34.16 -9.92 6.14
C VAL B 79 32.69 -9.50 6.16
N ALA B 80 31.79 -10.46 6.01
CA ALA B 80 30.32 -10.24 5.94
C ALA B 80 29.89 -9.32 7.09
N ILE B 81 30.44 -9.55 8.29
CA ILE B 81 30.02 -8.83 9.54
C ILE B 81 30.67 -7.44 9.60
N ARG B 82 31.85 -7.25 9.03
CA ARG B 82 32.47 -5.88 8.98
C ARG B 82 31.65 -5.01 8.01
N ILE B 83 31.34 -5.54 6.83
CA ILE B 83 30.50 -4.88 5.80
C ILE B 83 29.14 -4.51 6.42
N PHE B 84 28.42 -5.48 6.99
CA PHE B 84 27.11 -5.26 7.66
C PHE B 84 27.23 -4.14 8.71
N GLN B 85 28.21 -4.24 9.62
CA GLN B 85 28.40 -3.25 10.71
C GLN B 85 28.69 -1.87 10.08
N GLY B 86 29.29 -1.86 8.89
CA GLY B 86 29.48 -0.63 8.09
C GLY B 86 28.15 -0.02 7.72
N ALA B 87 27.31 -0.75 6.98
CA ALA B 87 25.94 -0.33 6.59
C ALA B 87 25.23 0.24 7.83
N GLN B 88 25.38 -0.42 8.98
CA GLN B 88 24.76 -0.07 10.29
C GLN B 88 25.23 1.33 10.71
N PHE B 89 26.54 1.56 10.72
CA PHE B 89 27.17 2.87 11.02
C PHE B 89 26.59 3.92 10.06
N ARG B 90 26.60 3.60 8.77
CA ARG B 90 26.08 4.53 7.75
C ARG B 90 24.61 4.88 8.05
N SER B 91 23.79 3.89 8.42
CA SER B 91 22.32 4.12 8.50
C SER B 91 22.01 4.97 9.74
N VAL B 92 22.81 4.84 10.80
CA VAL B 92 22.72 5.74 12.00
C VAL B 92 22.95 7.19 11.55
N GLU B 93 23.98 7.41 10.72
CA GLU B 93 24.32 8.75 10.17
C GLU B 93 23.12 9.26 9.36
N ALA B 94 22.53 8.38 8.55
CA ALA B 94 21.37 8.69 7.68
C ALA B 94 20.18 9.12 8.54
N VAL B 95 19.92 8.44 9.66
CA VAL B 95 18.80 8.78 10.57
C VAL B 95 18.93 10.24 11.02
N GLN B 96 20.16 10.68 11.31
CA GLN B 96 20.42 12.04 11.82
C GLN B 96 20.19 13.05 10.70
N GLU B 97 20.67 12.77 9.50
CA GLU B 97 20.48 13.63 8.31
C GLU B 97 18.96 13.78 8.02
N ILE B 98 18.21 12.69 8.09
CA ILE B 98 16.74 12.68 7.82
C ILE B 98 16.04 13.43 8.95
N THR B 99 16.48 13.21 10.21
CA THR B 99 15.95 13.95 11.39
C THR B 99 16.14 15.45 11.15
N GLU B 100 17.34 15.88 10.73
CA GLU B 100 17.65 17.32 10.47
C GLU B 100 16.70 17.83 9.38
N TYR B 101 16.59 17.09 8.27
CA TYR B 101 15.68 17.42 7.15
C TYR B 101 14.24 17.60 7.65
N ALA B 102 13.76 16.71 8.55
CA ALA B 102 12.38 16.71 9.06
C ALA B 102 12.10 18.04 9.74
N LYS B 103 13.11 18.60 10.42
CA LYS B 103 13.01 19.85 11.21
C LYS B 103 12.63 20.99 10.29
N SER B 104 12.98 20.90 9.01
CA SER B 104 12.79 21.98 8.01
C SER B 104 11.43 21.86 7.32
N ILE B 105 10.69 20.76 7.53
CA ILE B 105 9.35 20.59 6.89
C ILE B 105 8.38 21.47 7.65
N PRO B 106 7.79 22.50 7.02
CA PRO B 106 6.88 23.41 7.74
C PRO B 106 5.78 22.66 8.51
N GLY B 107 5.71 22.94 9.81
CA GLY B 107 4.67 22.44 10.74
C GLY B 107 5.16 21.25 11.55
N PHE B 108 6.24 20.59 11.13
CA PHE B 108 6.74 19.33 11.75
C PHE B 108 7.20 19.57 13.20
N VAL B 109 8.04 20.58 13.46
CA VAL B 109 8.57 20.83 14.85
C VAL B 109 7.46 21.41 15.74
N ASN B 110 6.33 21.87 15.18
CA ASN B 110 5.16 22.31 16.00
C ASN B 110 4.29 21.12 16.44
N LEU B 111 4.52 19.90 15.96
CA LEU B 111 3.71 18.73 16.39
C LEU B 111 4.18 18.35 17.80
N ASP B 112 3.41 17.50 18.47
CA ASP B 112 3.82 16.81 19.72
C ASP B 112 5.17 16.12 19.49
N LEU B 113 6.15 16.39 20.36
CA LEU B 113 7.51 15.80 20.30
C LEU B 113 7.43 14.27 20.22
N ASN B 114 6.56 13.62 21.01
CA ASN B 114 6.40 12.14 20.95
C ASN B 114 5.97 11.72 19.53
N ASP B 115 5.11 12.49 18.84
CA ASP B 115 4.65 12.14 17.47
C ASP B 115 5.79 12.37 16.47
N GLN B 116 6.61 13.42 16.66
CA GLN B 116 7.82 13.69 15.82
C GLN B 116 8.70 12.45 15.86
N VAL B 117 8.91 11.93 17.07
CA VAL B 117 9.73 10.72 17.32
C VAL B 117 9.05 9.50 16.67
N THR B 118 7.75 9.30 16.86
CA THR B 118 7.02 8.17 16.24
C THR B 118 7.19 8.23 14.70
N LEU B 119 6.91 9.37 14.07
CA LEU B 119 6.96 9.53 12.59
C LEU B 119 8.34 9.10 12.07
N LEU B 120 9.42 9.60 12.68
CA LEU B 120 10.80 9.35 12.22
C LEU B 120 11.16 7.89 12.49
N LYS B 121 10.83 7.41 13.70
CA LYS B 121 11.04 6.02 14.14
C LYS B 121 10.56 5.06 13.05
N TYR B 122 9.34 5.24 12.54
CA TYR B 122 8.69 4.30 11.60
C TYR B 122 8.99 4.67 10.13
N GLY B 123 9.54 5.86 9.89
CA GLY B 123 9.72 6.42 8.54
C GLY B 123 11.15 6.31 8.04
N VAL B 124 12.15 6.28 8.92
CA VAL B 124 13.58 6.39 8.50
C VAL B 124 13.93 5.25 7.55
N HIS B 125 13.46 4.03 7.81
CA HIS B 125 13.76 2.86 6.96
C HIS B 125 13.20 3.07 5.54
N GLU B 126 11.94 3.46 5.42
CA GLU B 126 11.31 3.80 4.12
C GLU B 126 12.15 4.85 3.37
N ILE B 127 12.60 5.90 4.05
CA ILE B 127 13.38 6.99 3.42
C ILE B 127 14.79 6.49 3.07
N ILE B 128 15.39 5.69 3.95
CA ILE B 128 16.76 5.17 3.68
C ILE B 128 16.73 4.38 2.37
N TYR B 129 15.74 3.49 2.17
CA TYR B 129 15.69 2.64 0.95
C TYR B 129 15.33 3.49 -0.26
N THR B 130 14.52 4.53 -0.10
CA THR B 130 14.21 5.51 -1.18
C THR B 130 15.50 6.23 -1.62
N MET B 131 16.30 6.73 -0.68
CA MET B 131 17.52 7.52 -0.97
C MET B 131 18.70 6.62 -1.37
N LEU B 132 18.85 5.43 -0.78
CA LEU B 132 19.88 4.44 -1.19
C LEU B 132 19.76 4.10 -2.69
N ALA B 133 18.57 4.16 -3.28
CA ALA B 133 18.37 3.88 -4.72
C ALA B 133 19.05 4.94 -5.59
N SER B 134 19.09 6.19 -5.17
CA SER B 134 19.84 7.30 -5.85
C SER B 134 21.31 6.89 -6.02
N LEU B 135 21.82 5.99 -5.18
CA LEU B 135 23.25 5.57 -5.11
C LEU B 135 23.42 4.19 -5.76
N MET B 136 22.37 3.65 -6.39
CA MET B 136 22.38 2.26 -6.92
C MET B 136 22.10 2.25 -8.42
N ASN B 137 22.73 1.32 -9.14
CA ASN B 137 22.23 0.78 -10.43
C ASN B 137 22.01 -0.72 -10.26
N LYS B 138 21.69 -1.44 -11.33
CA LYS B 138 21.39 -2.89 -11.29
C LYS B 138 22.66 -3.68 -10.95
N ASP B 139 23.84 -3.06 -11.01
CA ASP B 139 25.13 -3.80 -10.83
C ASP B 139 25.82 -3.42 -9.51
N GLY B 140 25.41 -2.34 -8.82
CA GLY B 140 25.97 -2.09 -7.48
C GLY B 140 25.56 -0.79 -6.83
N VAL B 141 26.24 -0.47 -5.73
CA VAL B 141 25.90 0.68 -4.84
C VAL B 141 27.19 1.46 -4.55
N LEU B 142 27.12 2.79 -4.69
CA LEU B 142 28.14 3.74 -4.19
C LEU B 142 28.24 3.61 -2.67
N ILE B 143 29.47 3.60 -2.13
CA ILE B 143 29.79 3.63 -0.67
C ILE B 143 30.84 4.70 -0.39
N SER B 144 31.00 5.07 0.88
CA SER B 144 31.92 6.16 1.33
C SER B 144 31.69 7.40 0.48
N GLU B 145 30.45 7.88 0.43
CA GLU B 145 30.10 9.16 -0.20
C GLU B 145 30.66 9.20 -1.61
N GLY B 146 30.51 8.10 -2.36
CA GLY B 146 30.77 8.03 -3.81
C GLY B 146 32.18 7.58 -4.16
N GLN B 147 33.07 7.42 -3.18
CA GLN B 147 34.49 7.06 -3.41
C GLN B 147 34.61 5.58 -3.80
N GLY B 148 33.72 4.74 -3.30
CA GLY B 148 33.71 3.29 -3.58
C GLY B 148 32.47 2.90 -4.36
N PHE B 149 32.56 1.80 -5.09
CA PHE B 149 31.42 1.11 -5.71
C PHE B 149 31.49 -0.37 -5.34
N MET B 150 30.52 -0.87 -4.58
CA MET B 150 30.46 -2.31 -4.21
C MET B 150 29.46 -3.03 -5.14
N THR B 151 29.92 -4.11 -5.76
CA THR B 151 29.09 -4.83 -6.77
C THR B 151 27.98 -5.56 -6.05
N ARG B 152 26.82 -5.59 -6.70
CA ARG B 152 25.63 -6.34 -6.24
C ARG B 152 26.00 -7.82 -6.11
N GLU B 153 26.79 -8.36 -7.05
CA GLU B 153 27.23 -9.76 -7.00
C GLU B 153 28.14 -9.98 -5.79
N PHE B 154 29.10 -9.09 -5.53
CA PHE B 154 29.96 -9.24 -4.33
C PHE B 154 29.07 -9.37 -3.08
N LEU B 155 28.12 -8.46 -2.91
CA LEU B 155 27.19 -8.45 -1.74
C LEU B 155 26.39 -9.76 -1.70
N LYS B 156 25.93 -10.24 -2.86
CA LYS B 156 25.14 -11.50 -2.98
C LYS B 156 26.02 -12.69 -2.56
N SER B 157 27.33 -12.59 -2.76
CA SER B 157 28.35 -13.65 -2.51
C SER B 157 28.61 -13.78 -1.00
N LEU B 158 28.13 -12.85 -0.17
CA LEU B 158 28.43 -12.90 1.28
C LEU B 158 27.73 -14.12 1.89
N ARG B 159 28.32 -14.74 2.91
CA ARG B 159 27.75 -15.94 3.59
C ARG B 159 26.36 -15.60 4.14
N LYS B 160 25.38 -16.47 3.88
CA LYS B 160 24.01 -16.41 4.45
C LYS B 160 24.08 -16.15 5.95
N PRO B 161 23.15 -15.35 6.54
CA PRO B 161 22.10 -14.62 5.83
C PRO B 161 22.46 -13.25 5.23
N PHE B 162 23.75 -12.88 5.20
CA PHE B 162 24.23 -11.52 4.85
C PHE B 162 24.22 -11.31 3.32
N GLY B 163 24.42 -12.37 2.55
CA GLY B 163 24.28 -12.33 1.07
C GLY B 163 22.88 -11.89 0.66
N ASP B 164 21.93 -11.95 1.59
CA ASP B 164 20.47 -11.77 1.32
C ASP B 164 20.00 -10.34 1.61
N PHE B 165 20.80 -9.53 2.32
CA PHE B 165 20.29 -8.30 2.98
C PHE B 165 20.06 -7.20 1.93
N MET B 166 20.98 -7.01 0.98
CA MET B 166 20.91 -5.87 0.02
C MET B 166 20.03 -6.21 -1.20
N GLU B 167 19.86 -7.48 -1.54
CA GLU B 167 19.25 -7.87 -2.85
C GLU B 167 17.83 -7.30 -2.98
N PRO B 168 16.93 -7.37 -1.97
CA PRO B 168 15.61 -6.77 -2.09
C PRO B 168 15.65 -5.26 -2.37
N LYS B 169 16.67 -4.58 -1.84
CA LYS B 169 16.84 -3.12 -2.01
C LYS B 169 17.15 -2.87 -3.48
N PHE B 170 18.04 -3.67 -4.05
CA PHE B 170 18.46 -3.57 -5.47
C PHE B 170 17.23 -3.81 -6.35
N GLU B 171 16.44 -4.83 -6.04
CA GLU B 171 15.22 -5.15 -6.82
C GLU B 171 14.33 -3.91 -6.82
N PHE B 172 14.12 -3.33 -5.65
CA PHE B 172 13.27 -2.12 -5.47
C PHE B 172 13.89 -0.93 -6.21
N ALA B 173 15.19 -0.72 -6.05
CA ALA B 173 15.93 0.43 -6.63
C ALA B 173 15.85 0.40 -8.16
N VAL B 174 15.95 -0.77 -8.79
CA VAL B 174 15.83 -0.88 -10.28
C VAL B 174 14.46 -0.32 -10.73
N LYS B 175 13.35 -0.81 -10.18
CA LYS B 175 11.97 -0.38 -10.55
C LYS B 175 11.80 1.10 -10.22
N PHE B 176 12.21 1.52 -9.03
CA PHE B 176 12.04 2.91 -8.53
C PHE B 176 12.85 3.88 -9.38
N ASN B 177 14.07 3.49 -9.78
CA ASN B 177 14.96 4.40 -10.55
C ASN B 177 14.39 4.61 -11.95
N ALA B 178 13.53 3.70 -12.42
CA ALA B 178 12.87 3.79 -13.75
C ALA B 178 11.83 4.93 -13.79
N LEU B 179 11.33 5.41 -12.65
CA LEU B 179 10.47 6.62 -12.55
C LEU B 179 11.31 7.89 -12.87
N GLU B 180 12.64 7.82 -12.82
CA GLU B 180 13.54 8.92 -13.25
C GLU B 180 13.26 10.20 -12.45
N LEU B 181 13.02 10.08 -11.15
CA LEU B 181 12.82 11.24 -10.26
C LEU B 181 14.15 12.00 -10.13
N ASP B 182 14.09 13.29 -9.80
CA ASP B 182 15.29 14.12 -9.52
C ASP B 182 15.24 14.49 -8.04
N ASP B 183 16.24 15.21 -7.57
CA ASP B 183 16.38 15.56 -6.14
C ASP B 183 15.19 16.42 -5.72
N SER B 184 14.69 17.27 -6.63
N SER B 184 14.73 17.30 -6.61
CA SER B 184 13.57 18.21 -6.36
CA SER B 184 13.58 18.20 -6.37
C SER B 184 12.25 17.44 -6.21
C SER B 184 12.33 17.35 -6.11
N ASP B 185 12.07 16.33 -6.94
CA ASP B 185 10.90 15.44 -6.73
C ASP B 185 11.09 14.70 -5.41
N LEU B 186 12.30 14.20 -5.16
CA LEU B 186 12.59 13.33 -4.02
C LEU B 186 12.38 14.07 -2.70
N ALA B 187 12.82 15.32 -2.61
CA ALA B 187 12.70 16.15 -1.39
C ALA B 187 11.23 16.21 -0.95
N ILE B 188 10.28 16.33 -1.88
CA ILE B 188 8.84 16.38 -1.48
C ILE B 188 8.34 14.97 -1.12
N PHE B 189 8.71 13.95 -1.89
CA PHE B 189 8.29 12.54 -1.69
C PHE B 189 8.71 12.06 -0.31
N ILE B 190 9.96 12.33 0.05
CA ILE B 190 10.53 11.98 1.39
C ILE B 190 9.69 12.68 2.48
N ALA B 191 9.36 13.96 2.30
CA ALA B 191 8.56 14.72 3.30
C ALA B 191 7.16 14.10 3.45
N VAL B 192 6.55 13.63 2.35
CA VAL B 192 5.22 12.95 2.34
C VAL B 192 5.34 11.67 3.18
N ILE B 193 6.40 10.90 2.99
CA ILE B 193 6.61 9.63 3.75
C ILE B 193 6.67 9.95 5.26
N ILE B 194 7.41 10.98 5.68
CA ILE B 194 7.60 11.32 7.11
C ILE B 194 6.23 11.61 7.75
N LEU B 195 5.40 12.43 7.10
CA LEU B 195 4.10 12.85 7.67
C LEU B 195 2.99 11.84 7.32
N SER B 196 3.21 10.58 7.67
CA SER B 196 2.29 9.42 7.51
C SER B 196 1.43 9.27 8.76
N GLY B 197 0.13 9.53 8.64
CA GLY B 197 -0.82 9.55 9.77
C GLY B 197 -1.14 8.16 10.30
N ASP B 198 -0.70 7.11 9.62
CA ASP B 198 -1.10 5.73 9.96
C ASP B 198 0.00 5.07 10.79
N ARG B 199 1.08 5.77 11.19
CA ARG B 199 2.14 5.14 12.03
C ARG B 199 1.53 4.75 13.37
N PRO B 200 1.87 3.55 13.90
CA PRO B 200 1.34 3.08 15.19
C PRO B 200 1.68 4.04 16.34
N GLY B 201 0.68 4.30 17.17
CA GLY B 201 0.83 4.98 18.47
C GLY B 201 0.76 6.48 18.36
N LEU B 202 0.59 7.02 17.15
CA LEU B 202 0.51 8.49 16.98
C LEU B 202 -0.60 9.03 17.87
N LEU B 203 -0.35 10.15 18.54
CA LEU B 203 -1.30 10.81 19.48
C LEU B 203 -2.27 11.67 18.68
N ASN B 204 -1.78 12.56 17.79
CA ASN B 204 -2.60 13.56 17.07
C ASN B 204 -2.42 13.34 15.55
N VAL B 205 -3.31 12.52 14.97
CA VAL B 205 -3.23 12.11 13.54
C VAL B 205 -3.65 13.29 12.66
N LYS B 206 -4.75 13.97 12.96
CA LYS B 206 -5.29 15.05 12.09
C LYS B 206 -4.19 16.03 11.68
N PRO B 207 -3.47 16.69 12.62
CA PRO B 207 -2.47 17.69 12.23
C PRO B 207 -1.38 17.13 11.29
N ILE B 208 -1.06 15.84 11.41
CA ILE B 208 -0.07 15.16 10.53
C ILE B 208 -0.65 15.08 9.12
N GLU B 209 -1.89 14.64 9.00
CA GLU B 209 -2.60 14.46 7.71
C GLU B 209 -2.72 15.80 6.99
N ASP B 210 -3.02 16.87 7.73
CA ASP B 210 -3.10 18.27 7.24
C ASP B 210 -1.77 18.66 6.56
N ILE B 211 -0.65 18.47 7.24
CA ILE B 211 0.68 18.76 6.65
C ILE B 211 0.86 17.84 5.43
N GLN B 212 0.55 16.55 5.56
CA GLN B 212 0.76 15.58 4.47
C GLN B 212 -0.04 16.00 3.21
N ASP B 213 -1.28 16.46 3.38
CA ASP B 213 -2.16 16.82 2.22
C ASP B 213 -1.49 17.95 1.43
N ASN B 214 -1.03 18.95 2.18
CA ASN B 214 -0.33 20.12 1.64
C ASN B 214 0.94 19.66 0.90
N LEU B 215 1.71 18.71 1.47
CA LEU B 215 2.91 18.13 0.82
C LEU B 215 2.54 17.32 -0.44
N LEU B 216 1.44 16.56 -0.41
CA LEU B 216 0.98 15.79 -1.59
C LEU B 216 0.57 16.77 -2.70
N GLN B 217 -0.12 17.86 -2.37
CA GLN B 217 -0.48 18.90 -3.36
C GLN B 217 0.79 19.42 -4.05
N ALA B 218 1.84 19.68 -3.28
CA ALA B 218 3.14 20.21 -3.76
C ALA B 218 3.79 19.19 -4.69
N LEU B 219 3.80 17.91 -4.28
CA LEU B 219 4.33 16.75 -5.04
C LEU B 219 3.62 16.63 -6.39
N GLU B 220 2.30 16.66 -6.39
CA GLU B 220 1.46 16.55 -7.61
C GLU B 220 1.85 17.67 -8.59
N LEU B 221 1.82 18.93 -8.17
CA LEU B 221 2.21 20.10 -9.02
C LEU B 221 3.66 19.96 -9.52
N GLN B 222 4.60 19.60 -8.63
CA GLN B 222 6.04 19.38 -8.95
C GLN B 222 6.15 18.38 -10.11
N LEU B 223 5.46 17.24 -10.00
CA LEU B 223 5.54 16.13 -10.97
C LEU B 223 4.86 16.50 -12.30
N LYS B 224 3.80 17.31 -12.26
CA LYS B 224 3.11 17.76 -13.49
C LYS B 224 4.04 18.70 -14.25
N LEU B 225 4.72 19.62 -13.55
CA LEU B 225 5.59 20.63 -14.18
C LEU B 225 6.92 19.99 -14.62
N ASN B 226 7.47 19.03 -13.86
CA ASN B 226 8.85 18.49 -14.07
C ASN B 226 8.79 17.23 -14.96
N HIS B 227 7.68 16.51 -14.99
CA HIS B 227 7.51 15.32 -15.87
C HIS B 227 6.17 15.42 -16.59
N PRO B 228 5.99 16.45 -17.45
CA PRO B 228 4.71 16.66 -18.13
C PRO B 228 4.30 15.47 -19.00
N GLU B 229 5.28 14.74 -19.56
CA GLU B 229 5.04 13.55 -20.43
C GLU B 229 4.87 12.27 -19.60
N SER B 230 5.16 12.26 -18.29
CA SER B 230 5.11 11.02 -17.48
C SER B 230 3.68 10.81 -16.97
N SER B 231 2.98 9.88 -17.61
CA SER B 231 1.53 9.61 -17.41
C SER B 231 1.27 8.93 -16.06
N GLN B 232 0.51 9.58 -15.18
CA GLN B 232 0.11 9.06 -13.83
C GLN B 232 1.36 8.81 -12.97
N LEU B 233 2.43 9.60 -13.14
CA LEU B 233 3.68 9.48 -12.35
C LEU B 233 3.39 9.70 -10.86
N PHE B 234 2.55 10.69 -10.52
CA PHE B 234 2.07 10.90 -9.13
C PHE B 234 1.56 9.57 -8.59
N ALA B 235 0.61 8.93 -9.30
CA ALA B 235 -0.01 7.65 -8.90
C ALA B 235 1.05 6.54 -8.79
N LYS B 236 1.92 6.39 -9.79
CA LYS B 236 2.95 5.31 -9.81
C LYS B 236 3.92 5.52 -8.64
N LEU B 237 4.27 6.77 -8.36
CA LEU B 237 5.14 7.11 -7.21
C LEU B 237 4.45 6.72 -5.90
N LEU B 238 3.17 7.04 -5.72
CA LEU B 238 2.42 6.66 -4.49
C LEU B 238 2.28 5.14 -4.40
N GLN B 239 2.21 4.41 -5.51
CA GLN B 239 2.10 2.93 -5.48
C GLN B 239 3.39 2.33 -4.91
N LYS B 240 4.54 3.01 -5.09
CA LYS B 240 5.87 2.56 -4.61
C LYS B 240 5.95 2.46 -3.08
N MET B 241 5.03 3.09 -2.36
CA MET B 241 4.90 2.91 -0.88
C MET B 241 4.63 1.44 -0.55
N THR B 242 3.94 0.74 -1.45
CA THR B 242 3.63 -0.70 -1.28
C THR B 242 4.98 -1.43 -1.26
N ASP B 243 5.75 -1.32 -2.33
CA ASP B 243 7.08 -1.97 -2.46
C ASP B 243 7.98 -1.61 -1.26
N LEU B 244 7.85 -0.39 -0.75
CA LEU B 244 8.73 0.19 0.30
C LEU B 244 8.40 -0.42 1.65
N ARG B 245 7.11 -0.50 2.00
CA ARG B 245 6.66 -1.05 3.30
C ARG B 245 7.02 -2.55 3.36
N GLN B 246 7.08 -3.23 2.21
CA GLN B 246 7.38 -4.68 2.17
C GLN B 246 8.86 -4.86 2.41
N ILE B 247 9.71 -4.09 1.71
CA ILE B 247 11.19 -4.13 1.93
C ILE B 247 11.44 -3.93 3.43
N VAL B 248 10.77 -2.96 4.04
CA VAL B 248 10.99 -2.63 5.47
C VAL B 248 10.62 -3.85 6.33
N THR B 249 9.44 -4.44 6.08
CA THR B 249 8.97 -5.65 6.79
C THR B 249 10.06 -6.72 6.70
N GLU B 250 10.46 -7.09 5.47
CA GLU B 250 11.56 -8.06 5.21
C GLU B 250 12.81 -7.67 5.99
N HIS B 251 13.22 -6.41 5.86
CA HIS B 251 14.47 -5.87 6.46
C HIS B 251 14.38 -6.00 7.99
N VAL B 252 13.21 -5.76 8.58
CA VAL B 252 12.95 -5.89 10.05
C VAL B 252 12.99 -7.38 10.42
N GLN B 253 12.31 -8.27 9.70
CA GLN B 253 12.42 -9.75 9.92
C GLN B 253 13.91 -10.15 9.90
N LEU B 254 14.64 -9.78 8.85
CA LEU B 254 16.07 -10.17 8.67
C LEU B 254 16.91 -9.64 9.84
N LEU B 255 16.71 -8.38 10.29
CA LEU B 255 17.38 -7.82 11.50
C LEU B 255 16.98 -8.62 12.76
N GLN B 256 15.80 -9.26 12.74
CA GLN B 256 15.32 -10.13 13.85
C GLN B 256 16.19 -11.39 13.89
N VAL B 257 16.46 -11.99 12.73
CA VAL B 257 17.32 -13.21 12.59
C VAL B 257 18.75 -12.91 13.07
N ILE B 258 19.29 -11.71 12.76
CA ILE B 258 20.72 -11.35 13.03
C ILE B 258 20.99 -11.29 14.54
N LYS B 259 20.21 -10.50 15.29
CA LYS B 259 20.44 -10.35 16.75
C LYS B 259 20.15 -11.69 17.45
N LYS B 260 19.24 -12.49 16.90
CA LYS B 260 18.84 -13.81 17.47
C LYS B 260 19.83 -14.91 17.11
N THR B 261 20.77 -14.70 16.16
CA THR B 261 21.66 -15.78 15.66
C THR B 261 23.12 -15.30 15.47
N GLU B 262 23.49 -14.12 15.98
CA GLU B 262 24.85 -13.54 15.82
C GLU B 262 25.11 -12.57 16.98
N GLY C 7 -7.71 -24.41 -6.22
CA GLY C 7 -8.86 -24.19 -5.28
C GLY C 7 -9.58 -22.88 -5.56
N LEU C 8 -8.89 -21.76 -5.32
CA LEU C 8 -9.32 -20.39 -5.72
C LEU C 8 -9.26 -20.33 -7.24
N GLU C 9 -8.14 -20.77 -7.81
CA GLU C 9 -7.90 -20.93 -9.27
C GLU C 9 -9.03 -21.71 -9.93
N ALA C 10 -9.50 -22.80 -9.30
CA ALA C 10 -10.57 -23.67 -9.83
C ALA C 10 -11.76 -22.80 -10.18
N ILE C 11 -12.24 -22.08 -9.17
CA ILE C 11 -13.45 -21.21 -9.20
C ILE C 11 -13.22 -20.07 -10.19
N ILE C 12 -12.05 -19.43 -10.16
CA ILE C 12 -11.71 -18.29 -11.07
C ILE C 12 -11.74 -18.82 -12.52
N ARG C 13 -11.04 -19.92 -12.80
CA ARG C 13 -10.98 -20.56 -14.16
C ARG C 13 -12.38 -20.88 -14.70
N LYS C 14 -13.21 -21.57 -13.90
CA LYS C 14 -14.60 -21.93 -14.30
C LYS C 14 -15.40 -20.66 -14.57
N ALA C 15 -15.36 -19.69 -13.64
CA ALA C 15 -16.13 -18.43 -13.69
C ALA C 15 -15.72 -17.61 -14.93
N LEU C 16 -14.47 -17.70 -15.38
CA LEU C 16 -13.95 -16.89 -16.51
C LEU C 16 -14.48 -17.41 -17.86
N MET C 17 -14.93 -18.67 -17.93
CA MET C 17 -15.29 -19.36 -19.20
C MET C 17 -16.72 -18.96 -19.62
N GLY D 7 17.08 2.82 21.18
CA GLY D 7 18.41 3.17 20.55
C GLY D 7 18.24 4.03 19.32
N LEU D 8 17.28 3.67 18.45
CA LEU D 8 16.81 4.47 17.29
C LEU D 8 16.06 5.72 17.80
N GLU D 9 15.12 5.52 18.72
CA GLU D 9 14.35 6.61 19.36
C GLU D 9 15.32 7.61 19.99
N ALA D 10 16.40 7.11 20.60
CA ALA D 10 17.46 7.90 21.27
C ALA D 10 18.22 8.77 20.26
N ILE D 11 18.65 8.14 19.16
CA ILE D 11 19.34 8.89 18.06
C ILE D 11 18.40 10.02 17.64
N ILE D 12 17.11 9.72 17.42
CA ILE D 12 16.09 10.68 16.87
C ILE D 12 15.87 11.83 17.88
N ARG D 13 15.73 11.53 19.18
CA ARG D 13 15.51 12.58 20.20
C ARG D 13 16.74 13.49 20.30
N LYS D 14 17.93 12.88 20.34
CA LYS D 14 19.22 13.61 20.41
C LYS D 14 19.35 14.49 19.17
N ALA D 15 19.08 13.94 17.98
CA ALA D 15 19.16 14.67 16.71
C ALA D 15 18.15 15.82 16.69
N LEU D 16 16.92 15.61 17.21
CA LEU D 16 15.87 16.65 17.29
C LEU D 16 16.31 17.79 18.23
N MET D 17 16.79 17.45 19.43
CA MET D 17 17.26 18.42 20.47
C MET D 17 18.36 19.31 19.87
N GLY D 18 19.33 18.71 19.17
CA GLY D 18 20.34 19.43 18.37
C GLY D 18 21.13 20.44 19.18
C4 Q4O E . -19.19 -12.62 7.83
C5 Q4O E . -19.54 -13.12 9.05
C6 Q4O E . -20.41 -14.19 9.10
C13 Q4O E . -20.56 -10.53 2.56
C15 Q4O E . -19.10 -10.43 0.64
C17 Q4O E . -18.52 -11.84 2.51
C20 Q4O E . -17.79 -8.96 -0.79
C26 Q4O E . -22.64 -18.10 8.91
C28 Q4O E . -23.85 -16.76 10.62
C1 Q4O E . -20.92 -14.77 7.94
C2 Q4O E . -20.54 -14.25 6.69
C3 Q4O E . -19.67 -13.16 6.63
F7 Q4O E . -20.77 -14.63 10.31
CL8 Q4O E . -18.12 -11.29 7.75
C9 Q4O E . -19.19 -12.58 5.35
O10 Q4O E . -17.97 -12.67 5.13
N11 Q4O E . -20.03 -11.98 4.48
C12 Q4O E . -19.68 -11.44 3.20
C14 Q4O E . -20.27 -10.03 1.29
C16 Q4O E . -18.25 -11.34 1.24
F18 Q4O E . -17.16 -11.68 0.51
O19 Q4O E . -18.74 -10.01 -0.61
F21 Q4O E . -18.35 -7.85 -0.13
F22 Q4O E . -17.62 -8.68 -2.17
C23 Q4O E . -21.88 -15.92 8.01
N24 Q4O E . -21.71 -16.96 8.86
O25 Q4O E . -22.85 -15.93 7.28
C27 Q4O E . -23.57 -18.02 10.10
C29 Q4O E . -24.71 -16.65 11.72
C30 Q4O E . -25.29 -17.77 12.29
C31 Q4O E . -24.99 -19.01 11.78
C32 Q4O E . -24.14 -19.15 10.68
O33 Q4O E . -23.92 -20.41 10.21
C34 Q4O E . -24.95 -20.93 9.35
#